data_3HRV
#
_entry.id   3HRV
#
_cell.length_a   62.767
_cell.length_b   94.752
_cell.length_c   128.422
_cell.angle_alpha   90.000
_cell.angle_beta   90.000
_cell.angle_gamma   90.000
#
_symmetry.space_group_name_H-M   'I 21 21 21'
#
loop_
_entity.id
_entity.type
_entity.pdbx_description
1 polymer 'Toxin coregulated pilin'
2 non-polymer GLYCEROL
3 non-polymer 'SULFATE ION'
4 water water
#
_entity_poly.entity_id   1
_entity_poly.type   'polypeptide(L)'
_entity_poly.pdbx_seq_one_letter_code
;MGSSHHHHHHSSGLVPRGSHMDSQNMTKAAQNLNSVQIAMTQTYRSLGNYPATANANAATQLANGLVSLGKVSADEAKNP
FTGTAMGIFSFPRNSAANKAFAITVGGLTQAQCKTLVTSVGDMFPFINVKEGAFAAVADLGDFETSVADAATGAGVIKSI
APGSANLNLTNITHVEKLCTGTAPFTVAFGNS
;
_entity_poly.pdbx_strand_id   A,B
#
loop_
_chem_comp.id
_chem_comp.type
_chem_comp.name
_chem_comp.formula
GOL non-polymer GLYCEROL 'C3 H8 O3'
SO4 non-polymer 'SULFATE ION' 'O4 S -2'
#
# COMPACT_ATOMS: atom_id res chain seq x y z
N SER A 19 -33.72 3.73 12.76
CA SER A 19 -32.67 3.20 11.85
C SER A 19 -33.20 2.05 11.01
N HIS A 20 -32.47 1.71 9.96
CA HIS A 20 -32.87 0.63 9.07
C HIS A 20 -32.87 -0.71 9.80
N MET A 21 -31.89 -0.91 10.68
CA MET A 21 -31.79 -2.16 11.44
C MET A 21 -33.00 -2.42 12.33
N ASP A 22 -33.74 -1.37 12.64
CA ASP A 22 -34.92 -1.51 13.49
C ASP A 22 -36.22 -1.51 12.70
N SER A 23 -36.12 -1.55 11.37
CA SER A 23 -37.30 -1.56 10.52
C SER A 23 -38.08 -2.84 10.80
N GLN A 24 -39.35 -2.86 10.44
CA GLN A 24 -40.19 -4.04 10.66
C GLN A 24 -39.57 -5.27 9.99
N ASN A 25 -39.16 -5.13 8.74
CA ASN A 25 -38.59 -6.26 8.00
C ASN A 25 -37.26 -6.75 8.56
N MET A 26 -36.39 -5.81 8.95
CA MET A 26 -35.10 -6.20 9.51
C MET A 26 -35.26 -6.90 10.85
N THR A 27 -36.20 -6.43 11.65
CA THR A 27 -36.45 -7.03 12.96
C THR A 27 -36.98 -8.45 12.77
N LYS A 28 -37.89 -8.61 11.80
CA LYS A 28 -38.46 -9.92 11.52
C LYS A 28 -37.40 -10.85 10.92
N ALA A 29 -36.50 -10.23 10.04
CA ALA A 29 -35.52 -11.11 9.42
C ALA A 29 -34.54 -11.62 10.46
N ALA A 30 -34.22 -10.88 11.45
CA ALA A 30 -33.34 -11.33 12.52
C ALA A 30 -34.00 -12.41 13.37
N GLN A 31 -35.27 -12.20 13.70
CA GLN A 31 -36.02 -13.17 14.50
C GLN A 31 -36.19 -14.47 13.73
N ASN A 32 -36.54 -14.36 12.46
CA ASN A 32 -36.76 -15.54 11.63
C ASN A 32 -35.48 -16.35 11.43
N LEU A 33 -34.39 -15.67 11.11
CA LEU A 33 -33.12 -16.35 10.92
C LEU A 33 -32.71 -17.10 12.17
N ASN A 34 -32.96 -16.49 13.33
CA ASN A 34 -32.61 -17.12 14.59
C ASN A 34 -33.45 -18.37 14.81
N SER A 35 -34.76 -18.24 14.65
CA SER A 35 -35.68 -19.36 14.83
C SER A 35 -35.35 -20.52 13.91
N VAL A 36 -35.08 -20.21 12.65
CA VAL A 36 -34.76 -21.24 11.67
C VAL A 36 -33.42 -21.93 11.92
N GLN A 37 -32.38 -21.17 12.22
CA GLN A 37 -31.08 -21.80 12.46
C GLN A 37 -31.10 -22.66 13.71
N ILE A 38 -31.84 -22.23 14.73
CA ILE A 38 -31.95 -23.00 15.96
C ILE A 38 -32.68 -24.31 15.67
N ALA A 39 -33.76 -24.24 14.90
CA ALA A 39 -34.51 -25.43 14.55
C ALA A 39 -33.63 -26.41 13.78
N MET A 40 -32.81 -25.88 12.86
CA MET A 40 -31.92 -26.72 12.06
C MET A 40 -30.87 -27.44 12.88
N THR A 41 -30.16 -26.70 13.74
CA THR A 41 -29.13 -27.33 14.56
C THR A 41 -29.75 -28.28 15.58
N GLN A 42 -30.96 -27.94 16.19
CA GLN A 42 -31.61 -28.81 17.18
C GLN A 42 -32.03 -30.13 16.55
N THR A 43 -32.39 -30.01 15.32
CA THR A 43 -32.87 -31.20 14.62
C THR A 43 -31.77 -32.10 14.05
N TYR A 44 -30.72 -31.50 13.51
CA TYR A 44 -29.69 -32.29 12.86
C TYR A 44 -28.28 -32.44 13.44
N ARG A 45 -27.96 -31.63 14.44
CA ARG A 45 -26.66 -31.72 15.10
C ARG A 45 -26.59 -33.04 15.85
N SER A 46 -27.76 -33.66 16.03
CA SER A 46 -27.84 -34.95 16.70
C SER A 46 -27.64 -36.08 15.71
N LEU A 47 -27.88 -35.80 14.44
CA LEU A 47 -27.75 -36.81 13.39
C LEU A 47 -26.38 -36.77 12.74
N GLY A 48 -25.73 -35.61 12.81
CA GLY A 48 -24.41 -35.44 12.23
C GLY A 48 -24.47 -34.92 10.81
N ASN A 49 -25.62 -35.10 10.16
CA ASN A 49 -25.78 -34.63 8.78
C ASN A 49 -27.09 -33.88 8.56
N TYR A 50 -27.03 -32.91 7.65
CA TYR A 50 -28.20 -32.11 7.31
C TYR A 50 -28.84 -32.68 6.04
N PRO A 51 -30.15 -32.45 5.84
CA PRO A 51 -30.91 -32.96 4.69
C PRO A 51 -30.33 -32.34 3.34
N ALA A 52 -30.20 -33.39 2.41
CA ALA A 52 -29.72 -33.02 1.09
C ALA A 52 -30.69 -32.10 0.37
N THR A 53 -30.15 -31.05 -0.26
CA THR A 53 -30.95 -30.08 -1.02
C THR A 53 -30.22 -29.82 -2.33
N ALA A 54 -30.67 -30.46 -3.40
CA ALA A 54 -30.04 -30.34 -4.71
C ALA A 54 -30.20 -28.99 -5.41
N ASN A 55 -31.35 -28.36 -5.24
CA ASN A 55 -31.59 -27.08 -5.89
C ASN A 55 -32.36 -26.10 -5.03
N ALA A 56 -32.63 -24.92 -5.59
CA ALA A 56 -33.36 -23.87 -4.89
C ALA A 56 -34.74 -24.37 -4.45
N ASN A 57 -35.37 -25.18 -5.28
CA ASN A 57 -36.69 -25.70 -4.97
C ASN A 57 -36.63 -26.58 -3.72
N ALA A 58 -35.64 -27.51 -3.65
CA ALA A 58 -35.47 -28.40 -2.51
C ALA A 58 -35.19 -27.58 -1.25
N ALA A 59 -34.42 -26.39 -1.41
CA ALA A 59 -34.10 -25.52 -0.28
C ALA A 59 -35.34 -24.84 0.28
N THR A 60 -36.27 -24.35 -0.54
CA THR A 60 -37.48 -23.67 -0.09
C THR A 60 -38.47 -24.71 0.42
N GLN A 61 -38.40 -26.01 -0.10
CA GLN A 61 -39.23 -27.07 0.45
C GLN A 61 -38.79 -27.42 1.88
N LEU A 62 -37.49 -27.39 2.13
CA LEU A 62 -36.99 -27.70 3.47
C LEU A 62 -37.50 -26.65 4.44
N ALA A 63 -37.44 -25.38 4.05
CA ALA A 63 -37.92 -24.30 4.88
C ALA A 63 -39.40 -24.51 5.19
N ASN A 64 -40.18 -24.78 4.15
CA ASN A 64 -41.61 -25.01 4.36
C ASN A 64 -41.86 -26.26 5.19
N GLY A 65 -40.94 -27.22 5.13
CA GLY A 65 -41.08 -28.44 5.90
C GLY A 65 -40.95 -28.16 7.38
N LEU A 66 -40.05 -27.25 7.75
CA LEU A 66 -39.87 -26.91 9.15
C LEU A 66 -41.17 -26.33 9.68
N VAL A 67 -41.85 -25.60 8.82
CA VAL A 67 -43.11 -24.99 9.25
C VAL A 67 -44.19 -26.04 9.44
N SER A 68 -44.37 -26.93 8.37
CA SER A 68 -45.39 -27.97 8.44
C SER A 68 -45.21 -28.92 9.62
N LEU A 69 -43.96 -29.22 9.97
CA LEU A 69 -43.72 -30.10 11.11
C LEU A 69 -43.79 -29.37 12.44
N GLY A 70 -44.04 -28.07 12.39
CA GLY A 70 -44.16 -27.28 13.61
C GLY A 70 -42.85 -26.87 14.29
N LYS A 71 -41.76 -26.97 13.61
CA LYS A 71 -40.45 -26.65 14.18
C LYS A 71 -40.18 -25.15 14.17
N VAL A 72 -40.99 -24.44 13.36
CA VAL A 72 -40.98 -22.98 13.31
C VAL A 72 -42.36 -22.55 12.82
N SER A 73 -42.76 -21.27 13.18
CA SER A 73 -44.05 -20.82 12.65
C SER A 73 -43.91 -20.51 11.17
N ALA A 74 -45.12 -20.36 10.52
CA ALA A 74 -45.16 -20.00 9.11
C ALA A 74 -44.47 -18.65 8.88
N ASP A 75 -44.75 -17.72 9.76
CA ASP A 75 -44.17 -16.38 9.66
C ASP A 75 -42.66 -16.43 9.80
N GLU A 76 -42.16 -17.32 10.65
CA GLU A 76 -40.73 -17.44 10.90
C GLU A 76 -39.88 -17.99 9.75
N ALA A 77 -40.49 -18.67 8.80
CA ALA A 77 -39.74 -19.22 7.67
C ALA A 77 -39.71 -18.25 6.50
N LYS A 78 -40.49 -17.19 6.60
CA LYS A 78 -40.58 -16.19 5.54
C LYS A 78 -39.44 -15.20 5.44
N ASN A 79 -39.14 -14.83 4.20
CA ASN A 79 -38.14 -13.83 3.90
C ASN A 79 -39.01 -12.57 3.92
N PRO A 80 -38.64 -11.55 4.78
CA PRO A 80 -39.65 -10.50 4.98
C PRO A 80 -39.74 -9.46 3.88
N PHE A 81 -38.45 -9.68 3.06
CA PHE A 81 -38.23 -8.80 1.92
C PHE A 81 -38.95 -9.27 0.59
N THR A 82 -39.26 -10.55 0.56
CA THR A 82 -39.85 -11.09 -0.66
C THR A 82 -41.25 -11.66 -0.40
N GLY A 83 -41.53 -12.02 0.85
CA GLY A 83 -42.82 -12.57 1.17
C GLY A 83 -42.88 -14.07 0.91
N THR A 84 -41.77 -14.63 0.43
CA THR A 84 -41.71 -16.06 0.16
C THR A 84 -40.74 -16.69 1.17
N ALA A 85 -40.70 -18.02 1.18
CA ALA A 85 -39.84 -18.72 2.12
C ALA A 85 -38.36 -18.51 1.85
N MET A 86 -37.58 -18.43 2.93
CA MET A 86 -36.15 -18.31 2.78
C MET A 86 -35.78 -19.72 2.39
N GLY A 87 -34.67 -19.90 1.70
CA GLY A 87 -34.28 -21.24 1.34
C GLY A 87 -33.28 -21.76 2.36
N ILE A 88 -33.22 -23.07 2.52
CA ILE A 88 -32.25 -23.67 3.44
C ILE A 88 -31.49 -24.71 2.65
N PHE A 89 -30.20 -24.46 2.45
CA PHE A 89 -29.33 -25.36 1.70
C PHE A 89 -28.40 -26.12 2.63
N SER A 90 -28.26 -27.41 2.38
CA SER A 90 -27.31 -28.21 3.16
C SER A 90 -26.08 -28.20 2.26
N PHE A 91 -24.89 -27.96 2.82
CA PHE A 91 -23.70 -27.97 2.00
C PHE A 91 -22.52 -28.60 2.72
N PRO A 92 -21.40 -28.83 2.02
CA PRO A 92 -20.24 -29.45 2.66
C PRO A 92 -19.45 -28.67 3.68
N ARG A 93 -18.77 -29.42 4.55
CA ARG A 93 -17.90 -28.84 5.56
C ARG A 93 -16.65 -29.70 5.59
N ASN A 94 -15.52 -29.09 5.25
CA ASN A 94 -14.26 -29.81 5.23
C ASN A 94 -14.34 -30.95 4.22
N SER A 95 -15.00 -30.69 3.10
CA SER A 95 -15.18 -31.65 2.01
C SER A 95 -16.22 -32.74 2.24
N ALA A 96 -16.76 -32.81 3.45
CA ALA A 96 -17.79 -33.81 3.76
C ALA A 96 -19.14 -33.22 3.39
N ALA A 97 -19.88 -33.92 2.54
CA ALA A 97 -21.19 -33.44 2.09
C ALA A 97 -22.24 -33.30 3.19
N ASN A 98 -23.06 -32.25 3.05
CA ASN A 98 -24.16 -31.96 3.97
C ASN A 98 -23.81 -31.94 5.46
N LYS A 99 -22.66 -31.37 5.78
CA LYS A 99 -22.21 -31.27 7.17
C LYS A 99 -22.49 -29.88 7.73
N ALA A 100 -23.11 -29.03 6.90
CA ALA A 100 -23.46 -27.67 7.31
C ALA A 100 -24.71 -27.25 6.54
N PHE A 101 -25.29 -26.12 6.93
CA PHE A 101 -26.47 -25.62 6.25
C PHE A 101 -26.39 -24.11 6.16
N ALA A 102 -27.11 -23.54 5.20
CA ALA A 102 -27.12 -22.10 5.03
C ALA A 102 -28.54 -21.64 4.73
N ILE A 103 -28.96 -20.58 5.41
CA ILE A 103 -30.28 -20.01 5.19
C ILE A 103 -30.07 -18.88 4.21
N THR A 104 -30.78 -18.94 3.09
CA THR A 104 -30.63 -17.91 2.07
C THR A 104 -31.73 -16.86 2.09
N VAL A 105 -31.31 -15.60 2.12
CA VAL A 105 -32.21 -14.46 2.14
C VAL A 105 -31.91 -13.67 0.88
N GLY A 106 -32.78 -13.82 -0.12
CA GLY A 106 -32.58 -13.13 -1.39
C GLY A 106 -33.50 -11.93 -1.62
N GLY A 107 -33.40 -11.37 -2.82
CA GLY A 107 -34.22 -10.22 -3.18
C GLY A 107 -33.83 -8.96 -2.43
N LEU A 108 -32.60 -8.92 -1.93
CA LEU A 108 -32.12 -7.77 -1.17
C LEU A 108 -31.50 -6.65 -1.98
N THR A 109 -31.86 -5.42 -1.66
CA THR A 109 -31.26 -4.27 -2.34
C THR A 109 -29.90 -4.18 -1.67
N GLN A 110 -29.01 -3.34 -2.20
CA GLN A 110 -27.69 -3.22 -1.60
C GLN A 110 -27.81 -2.73 -0.16
N ALA A 111 -28.72 -1.80 0.09
CA ALA A 111 -28.92 -1.24 1.42
C ALA A 111 -29.41 -2.32 2.40
N GLN A 112 -30.34 -3.15 1.95
CA GLN A 112 -30.86 -4.20 2.82
C GLN A 112 -29.78 -5.24 3.11
N CYS A 113 -28.96 -5.51 2.10
CA CYS A 113 -27.88 -6.48 2.25
C CYS A 113 -26.89 -6.02 3.32
N LYS A 114 -26.47 -4.75 3.23
CA LYS A 114 -25.51 -4.22 4.20
C LYS A 114 -26.10 -4.24 5.61
N THR A 115 -27.33 -3.77 5.74
CA THR A 115 -27.99 -3.72 7.02
C THR A 115 -28.25 -5.09 7.62
N LEU A 116 -28.72 -6.01 6.80
CA LEU A 116 -29.01 -7.36 7.29
C LEU A 116 -27.75 -8.08 7.74
N VAL A 117 -26.72 -8.06 6.90
CA VAL A 117 -25.47 -8.73 7.24
C VAL A 117 -24.89 -8.22 8.56
N THR A 118 -24.90 -6.91 8.76
CA THR A 118 -24.33 -6.35 9.98
C THR A 118 -25.25 -6.43 11.20
N SER A 119 -26.53 -6.75 10.98
CA SER A 119 -27.47 -6.84 12.09
C SER A 119 -27.63 -8.26 12.62
N VAL A 120 -27.40 -9.26 11.76
CA VAL A 120 -27.55 -10.65 12.19
C VAL A 120 -26.29 -11.49 11.99
N GLY A 121 -25.28 -10.90 11.37
CA GLY A 121 -24.04 -11.61 11.11
C GLY A 121 -23.36 -12.30 12.28
N ASP A 122 -23.42 -11.69 13.47
CA ASP A 122 -22.80 -12.27 14.65
C ASP A 122 -23.39 -13.60 15.07
N MET A 123 -24.79 -13.97 14.54
CA MET A 123 -25.43 -15.24 14.88
C MET A 123 -24.95 -16.38 13.99
N PHE A 124 -24.10 -15.99 12.97
CA PHE A 124 -23.65 -17.01 12.02
C PHE A 124 -22.15 -17.05 11.79
N PRO A 125 -21.54 -18.23 11.87
CA PRO A 125 -20.10 -18.31 11.64
C PRO A 125 -19.73 -18.20 10.03
N PHE A 126 -20.71 -18.44 9.29
CA PHE A 126 -20.49 -18.44 7.85
C PHE A 126 -21.43 -17.45 7.14
N ILE A 127 -20.87 -16.60 6.27
CA ILE A 127 -21.66 -15.62 5.53
C ILE A 127 -21.15 -15.55 4.10
N ASN A 128 -22.05 -15.74 3.14
CA ASN A 128 -21.70 -15.69 1.73
C ASN A 128 -22.66 -14.75 1.01
N VAL A 129 -22.13 -13.67 0.46
CA VAL A 129 -22.94 -12.67 -0.25
C VAL A 129 -22.83 -12.88 -1.75
N LYS A 130 -23.96 -13.12 -2.41
CA LYS A 130 -23.96 -13.38 -3.84
C LYS A 130 -24.91 -12.48 -4.62
N GLU A 131 -24.59 -12.27 -5.89
CA GLU A 131 -25.47 -11.54 -6.80
C GLU A 131 -26.40 -12.49 -7.53
N GLY A 132 -27.66 -12.45 -7.06
CA GLY A 132 -28.58 -13.43 -7.59
C GLY A 132 -28.72 -14.55 -6.58
N ALA A 133 -29.60 -15.49 -6.84
CA ALA A 133 -29.83 -16.60 -5.92
C ALA A 133 -28.83 -17.73 -6.05
N PHE A 134 -28.74 -18.55 -5.00
CA PHE A 134 -27.87 -19.71 -5.02
C PHE A 134 -28.71 -20.77 -5.71
N ALA A 135 -28.22 -21.25 -6.86
CA ALA A 135 -28.95 -22.24 -7.64
C ALA A 135 -28.50 -23.67 -7.38
N ALA A 136 -27.25 -23.84 -6.94
CA ALA A 136 -26.72 -25.15 -6.67
C ALA A 136 -25.84 -25.15 -5.43
N VAL A 137 -25.73 -26.31 -4.79
CA VAL A 137 -24.91 -26.45 -3.60
C VAL A 137 -23.51 -25.89 -3.83
N ALA A 138 -22.98 -26.11 -5.03
CA ALA A 138 -21.64 -25.65 -5.38
C ALA A 138 -21.47 -24.13 -5.20
N ASP A 139 -22.56 -23.40 -5.36
CA ASP A 139 -22.55 -21.93 -5.22
C ASP A 139 -22.22 -21.45 -3.81
N LEU A 140 -22.44 -22.32 -2.82
CA LEU A 140 -22.21 -21.95 -1.43
C LEU A 140 -20.77 -22.08 -0.95
N GLY A 141 -20.01 -22.97 -1.59
CA GLY A 141 -18.63 -23.17 -1.18
C GLY A 141 -18.57 -24.23 -0.09
N ASP A 142 -17.61 -24.10 0.81
CA ASP A 142 -17.44 -25.07 1.89
C ASP A 142 -17.38 -24.34 3.23
N PHE A 143 -18.19 -24.79 4.18
CA PHE A 143 -18.28 -24.18 5.49
C PHE A 143 -16.94 -24.04 6.20
N GLU A 144 -16.06 -25.03 6.04
CA GLU A 144 -14.77 -24.99 6.73
C GLU A 144 -13.55 -24.67 5.89
N THR A 145 -13.60 -24.94 4.58
CA THR A 145 -12.43 -24.67 3.74
C THR A 145 -12.51 -23.41 2.86
N SER A 146 -13.68 -22.79 2.78
CA SER A 146 -13.80 -21.57 2.00
C SER A 146 -13.23 -20.41 2.82
N VAL A 147 -12.13 -19.83 2.34
CA VAL A 147 -11.49 -18.74 3.04
C VAL A 147 -12.18 -17.40 2.78
N ALA A 148 -12.57 -16.73 3.86
CA ALA A 148 -13.26 -15.46 3.75
C ALA A 148 -12.33 -14.30 3.44
N ASP A 149 -12.85 -13.34 2.67
CA ASP A 149 -12.11 -12.14 2.30
C ASP A 149 -13.12 -11.01 2.26
N ALA A 150 -13.47 -10.51 3.45
CA ALA A 150 -14.45 -9.44 3.57
C ALA A 150 -14.03 -8.17 2.85
N ALA A 151 -12.74 -8.05 2.53
CA ALA A 151 -12.26 -6.86 1.83
C ALA A 151 -12.90 -6.74 0.46
N THR A 152 -13.33 -7.87 -0.11
CA THR A 152 -13.96 -7.87 -1.43
C THR A 152 -15.44 -7.55 -1.31
N GLY A 153 -15.99 -7.73 -0.11
CA GLY A 153 -17.40 -7.47 0.12
C GLY A 153 -18.33 -8.37 -0.67
N ALA A 154 -17.76 -9.43 -1.26
CA ALA A 154 -18.54 -10.37 -2.06
C ALA A 154 -18.08 -11.80 -1.78
N GLY A 155 -18.98 -12.76 -2.03
CA GLY A 155 -18.65 -14.14 -1.79
C GLY A 155 -18.58 -14.43 -0.30
N VAL A 156 -17.74 -15.38 0.09
CA VAL A 156 -17.60 -15.72 1.49
C VAL A 156 -16.85 -14.59 2.19
N ILE A 157 -17.55 -13.91 3.10
CA ILE A 157 -16.94 -12.81 3.84
C ILE A 157 -16.78 -13.13 5.32
N LYS A 158 -17.12 -14.37 5.68
CA LYS A 158 -16.98 -14.84 7.05
C LYS A 158 -17.05 -16.36 7.06
N SER A 159 -16.08 -16.99 7.71
CA SER A 159 -16.04 -18.46 7.81
C SER A 159 -15.03 -18.85 8.88
N ILE A 160 -15.06 -20.10 9.30
CA ILE A 160 -14.13 -20.57 10.33
C ILE A 160 -12.78 -20.97 9.77
N ALA A 161 -12.52 -20.98 8.53
CA ALA A 161 -11.31 -21.34 7.79
C ALA A 161 -10.11 -20.54 8.32
N PRO A 162 -9.14 -21.36 9.02
CA PRO A 162 -7.81 -20.77 8.81
C PRO A 162 -7.63 -20.02 7.35
N GLY A 163 -6.97 -18.87 7.86
CA GLY A 163 -6.59 -17.78 7.10
C GLY A 163 -7.77 -16.86 6.64
N SER A 164 -8.90 -17.00 7.08
CA SER A 164 -9.95 -16.15 6.55
C SER A 164 -9.95 -14.75 7.17
N ALA A 165 -10.20 -13.75 6.34
CA ALA A 165 -10.26 -12.36 6.78
C ALA A 165 -11.75 -12.05 6.91
N ASN A 166 -12.29 -12.32 8.10
CA ASN A 166 -13.70 -12.11 8.35
C ASN A 166 -14.13 -10.66 8.48
N LEU A 167 -15.39 -10.42 8.12
CA LEU A 167 -15.97 -9.08 8.18
C LEU A 167 -15.66 -8.41 9.51
N ASN A 168 -15.00 -7.26 9.43
CA ASN A 168 -14.62 -6.48 10.60
C ASN A 168 -15.10 -5.05 10.40
N LEU A 169 -16.08 -4.64 11.19
CA LEU A 169 -16.65 -3.31 11.07
C LEU A 169 -15.69 -2.16 11.40
N THR A 170 -14.52 -2.46 11.95
CA THR A 170 -13.57 -1.41 12.27
C THR A 170 -12.69 -1.15 11.04
N ASN A 171 -12.84 -2.01 10.04
CA ASN A 171 -12.08 -1.89 8.80
C ASN A 171 -12.98 -1.15 7.80
N ILE A 172 -12.59 0.15 7.52
CA ILE A 172 -13.43 0.91 6.60
C ILE A 172 -13.57 0.25 5.23
N THR A 173 -12.62 -0.50 4.80
CA THR A 173 -12.68 -1.18 3.51
C THR A 173 -13.81 -2.22 3.53
N HIS A 174 -13.88 -2.98 4.62
CA HIS A 174 -14.92 -4.00 4.77
C HIS A 174 -16.30 -3.32 4.76
N VAL A 175 -16.42 -2.22 5.49
CA VAL A 175 -17.67 -1.50 5.58
C VAL A 175 -18.15 -0.96 4.24
N GLU A 176 -17.16 -0.24 3.46
CA GLU A 176 -17.57 0.26 2.15
C GLU A 176 -17.83 -0.82 1.11
N LYS A 177 -17.05 -1.86 1.09
CA LYS A 177 -17.16 -2.88 0.05
C LYS A 177 -18.28 -3.89 0.27
N LEU A 178 -18.82 -3.94 1.48
CA LEU A 178 -19.89 -4.88 1.80
C LEU A 178 -21.04 -4.83 0.80
N CYS A 179 -21.37 -6.00 0.25
CA CYS A 179 -22.44 -6.13 -0.73
C CYS A 179 -22.25 -5.28 -1.98
N THR A 180 -21.00 -5.06 -2.37
CA THR A 180 -20.73 -4.27 -3.57
C THR A 180 -21.24 -5.02 -4.79
N GLY A 181 -21.70 -4.29 -5.80
CA GLY A 181 -22.17 -4.95 -7.00
C GLY A 181 -23.55 -4.57 -7.49
N THR A 182 -24.22 -5.58 -8.06
CA THR A 182 -25.54 -5.42 -8.64
C THR A 182 -26.62 -6.15 -7.85
N ALA A 183 -27.70 -5.46 -7.52
CA ALA A 183 -28.81 -6.08 -6.80
C ALA A 183 -29.64 -6.84 -7.83
N PRO A 184 -30.47 -7.80 -7.37
CA PRO A 184 -30.69 -8.19 -5.98
C PRO A 184 -29.59 -9.10 -5.44
N PHE A 185 -29.37 -9.01 -4.14
CA PHE A 185 -28.37 -9.84 -3.50
C PHE A 185 -29.04 -10.93 -2.69
N THR A 186 -28.35 -12.05 -2.54
CA THR A 186 -28.85 -13.14 -1.73
C THR A 186 -27.71 -13.41 -0.75
N VAL A 187 -28.04 -13.42 0.53
CA VAL A 187 -27.03 -13.69 1.54
C VAL A 187 -27.29 -15.06 2.15
N ALA A 188 -26.25 -15.88 2.20
CA ALA A 188 -26.37 -17.21 2.78
C ALA A 188 -25.74 -17.15 4.17
N PHE A 189 -26.55 -17.40 5.19
CA PHE A 189 -26.09 -17.40 6.56
C PHE A 189 -25.96 -18.87 6.96
N GLY A 190 -24.73 -19.30 7.20
CA GLY A 190 -24.52 -20.70 7.52
C GLY A 190 -24.06 -21.04 8.91
N ASN A 191 -24.38 -22.26 9.31
CA ASN A 191 -23.99 -22.78 10.61
C ASN A 191 -23.78 -24.27 10.44
N SER A 192 -23.27 -24.92 11.49
CA SER A 192 -23.00 -26.35 11.47
C SER A 192 -23.15 -26.91 12.87
N SER B 23 21.99 19.22 15.00
CA SER B 23 21.63 20.18 13.93
C SER B 23 22.82 21.06 13.54
N GLN B 24 23.68 20.84 14.34
CA GLN B 24 24.78 21.76 14.05
C GLN B 24 25.48 21.35 12.76
N ASN B 25 25.58 20.06 12.52
CA ASN B 25 26.22 19.53 11.31
C ASN B 25 25.43 19.79 10.05
N MET B 26 24.20 19.86 10.02
CA MET B 26 23.42 20.21 8.83
C MET B 26 23.65 21.67 8.45
N THR B 27 23.73 22.54 9.45
CA THR B 27 23.96 23.97 9.20
C THR B 27 25.39 24.18 8.69
N LYS B 28 26.33 23.48 9.30
CA LYS B 28 27.74 23.59 8.91
C LYS B 28 27.94 23.07 7.50
N ALA B 29 27.21 22.02 7.16
CA ALA B 29 27.31 21.42 5.82
C ALA B 29 26.93 22.43 4.76
N ALA B 30 25.80 23.13 4.96
CA ALA B 30 25.25 24.12 4.00
C ALA B 30 26.23 25.28 3.78
N GLN B 31 26.92 25.75 5.00
CA GLN B 31 27.91 26.82 4.95
C GLN B 31 29.18 26.36 4.24
N ASN B 32 29.64 25.15 4.56
CA ASN B 32 30.85 24.63 3.94
C ASN B 32 30.68 24.46 2.43
N LEU B 33 29.55 23.92 2.01
CA LEU B 33 29.29 23.73 0.58
C LEU B 33 29.30 25.06 -0.15
N ASN B 34 28.74 26.08 0.47
CA ASN B 34 28.70 27.41 -0.13
C ASN B 34 30.10 28.00 -0.21
N SER B 35 30.88 27.85 0.86
CA SER B 35 32.24 28.37 0.90
C SER B 35 33.11 27.72 -0.18
N VAL B 36 33.02 26.40 -0.28
CA VAL B 36 33.81 25.68 -1.27
C VAL B 36 33.42 25.98 -2.72
N GLN B 37 32.13 26.04 -3.01
CA GLN B 37 31.72 26.31 -4.39
C GLN B 37 32.09 27.73 -4.80
N ILE B 38 32.05 28.66 -3.83
CA ILE B 38 32.41 30.04 -4.10
C ILE B 38 33.90 30.10 -4.41
N ALA B 39 34.69 29.36 -3.63
CA ALA B 39 36.14 29.33 -3.82
C ALA B 39 36.49 28.73 -5.18
N MET B 40 35.82 27.65 -5.55
CA MET B 40 36.08 27.00 -6.83
C MET B 40 35.76 27.87 -8.04
N THR B 41 34.58 28.49 -8.05
CA THR B 41 34.20 29.34 -9.18
C THR B 41 35.11 30.56 -9.30
N GLN B 42 35.35 31.23 -8.18
CA GLN B 42 36.20 32.41 -8.18
C GLN B 42 37.63 32.10 -8.60
N THR B 43 38.10 30.91 -8.24
CA THR B 43 39.47 30.51 -8.55
C THR B 43 39.68 29.97 -9.97
N TYR B 44 38.68 29.30 -10.52
CA TYR B 44 38.85 28.72 -11.85
C TYR B 44 37.99 29.16 -13.03
N ARG B 45 36.87 29.80 -12.74
CA ARG B 45 35.97 30.27 -13.80
C ARG B 45 36.70 31.14 -14.81
N SER B 46 37.73 31.84 -14.35
CA SER B 46 38.50 32.73 -15.23
C SER B 46 39.64 31.98 -15.91
N LEU B 47 39.93 30.78 -15.42
CA LEU B 47 41.00 29.96 -15.98
C LEU B 47 40.53 29.02 -17.06
N GLY B 48 39.19 28.96 -17.24
CA GLY B 48 38.61 28.16 -18.32
C GLY B 48 38.39 26.68 -18.03
N ASN B 49 39.22 26.00 -16.88
CA ASN B 49 39.07 24.60 -16.48
C ASN B 49 39.14 24.49 -15.02
N TYR B 50 38.67 23.39 -14.63
CA TYR B 50 38.92 23.03 -13.24
C TYR B 50 39.98 21.92 -13.23
N PRO B 51 40.72 21.78 -12.11
CA PRO B 51 41.78 20.77 -11.98
C PRO B 51 41.30 19.34 -12.18
N ALA B 52 41.98 18.59 -13.03
CA ALA B 52 41.60 17.21 -13.31
C ALA B 52 41.67 16.33 -12.07
N THR B 53 40.66 15.48 -11.91
CA THR B 53 40.55 14.56 -10.78
C THR B 53 40.03 13.23 -11.32
N ALA B 54 40.92 12.25 -11.42
CA ALA B 54 40.55 10.94 -11.94
C ALA B 54 39.57 10.16 -11.08
N ASN B 55 39.73 10.26 -9.75
CA ASN B 55 38.85 9.54 -8.84
C ASN B 55 38.77 10.18 -7.46
N ALA B 56 38.13 9.46 -6.54
CA ALA B 56 37.95 9.94 -5.16
C ALA B 56 39.23 10.46 -4.51
N ASN B 57 40.30 9.69 -4.61
CA ASN B 57 41.58 10.09 -4.03
C ASN B 57 42.03 11.44 -4.54
N ALA B 58 41.91 11.65 -5.84
CA ALA B 58 42.30 12.91 -6.45
C ALA B 58 41.35 14.03 -6.03
N ALA B 59 40.09 13.68 -5.83
CA ALA B 59 39.08 14.64 -5.39
C ALA B 59 39.43 15.19 -4.02
N THR B 60 39.80 14.29 -3.10
CA THR B 60 40.21 14.68 -1.77
C THR B 60 41.49 15.51 -1.83
N GLN B 61 42.37 15.14 -2.75
CA GLN B 61 43.63 15.88 -2.94
C GLN B 61 43.33 17.31 -3.40
N LEU B 62 42.33 17.49 -4.25
CA LEU B 62 41.97 18.81 -4.74
C LEU B 62 41.35 19.64 -3.61
N ALA B 63 40.53 19.01 -2.78
CA ALA B 63 39.91 19.71 -1.67
C ALA B 63 40.98 20.24 -0.73
N ASN B 64 41.96 19.40 -0.42
CA ASN B 64 43.04 19.82 0.47
C ASN B 64 43.93 20.82 -0.24
N GLY B 65 44.01 20.72 -1.57
CA GLY B 65 44.82 21.65 -2.34
C GLY B 65 44.21 23.04 -2.29
N LEU B 66 42.88 23.10 -2.40
CA LEU B 66 42.16 24.36 -2.37
C LEU B 66 42.41 25.01 -1.00
N VAL B 67 42.41 24.20 0.04
CA VAL B 67 42.66 24.69 1.39
C VAL B 67 44.10 25.22 1.49
N SER B 68 45.03 24.48 0.90
CA SER B 68 46.45 24.86 0.94
C SER B 68 46.71 26.20 0.28
N LEU B 69 45.84 26.61 -0.63
CA LEU B 69 46.02 27.88 -1.31
C LEU B 69 45.33 29.02 -0.55
N GLY B 70 44.74 28.67 0.59
CA GLY B 70 44.06 29.66 1.41
C GLY B 70 42.74 30.15 0.85
N LYS B 71 42.15 29.42 -0.07
CA LYS B 71 40.87 29.82 -0.67
C LYS B 71 39.71 29.48 0.25
N VAL B 72 39.92 28.50 1.10
CA VAL B 72 38.91 28.06 2.06
C VAL B 72 39.66 27.49 3.27
N SER B 73 39.06 27.55 4.44
CA SER B 73 39.69 27.02 5.63
C SER B 73 39.51 25.51 5.68
N ALA B 74 40.38 24.82 6.44
CA ALA B 74 40.30 23.38 6.55
C ALA B 74 38.94 22.98 7.13
N ASP B 75 38.46 23.75 8.09
CA ASP B 75 37.17 23.48 8.72
C ASP B 75 36.03 23.62 7.73
N GLU B 76 36.16 24.57 6.82
CA GLU B 76 35.12 24.81 5.81
C GLU B 76 35.09 23.75 4.71
N ALA B 77 36.18 23.00 4.57
CA ALA B 77 36.24 21.97 3.54
C ALA B 77 35.83 20.60 4.07
N LYS B 78 35.46 20.54 5.35
CA LYS B 78 35.14 19.23 5.99
C LYS B 78 33.66 18.88 5.81
N ASN B 79 33.46 17.54 5.76
CA ASN B 79 32.14 16.92 5.70
C ASN B 79 31.80 16.78 7.18
N PRO B 80 30.86 17.59 7.69
CA PRO B 80 30.47 17.56 9.10
C PRO B 80 30.06 16.19 9.64
N PHE B 81 29.38 15.42 8.71
CA PHE B 81 28.80 14.13 9.09
C PHE B 81 29.81 13.00 9.22
N THR B 82 31.00 13.18 8.65
CA THR B 82 32.03 12.15 8.70
C THR B 82 33.34 12.62 9.29
N GLY B 83 33.57 13.92 9.29
CA GLY B 83 34.81 14.46 9.83
C GLY B 83 35.93 14.40 8.81
N THR B 84 35.62 13.93 7.61
CA THR B 84 36.60 13.84 6.54
C THR B 84 36.43 15.03 5.62
N ALA B 85 37.36 15.21 4.69
CA ALA B 85 37.25 16.32 3.75
C ALA B 85 36.23 15.99 2.67
N MET B 86 35.49 16.99 2.22
CA MET B 86 34.53 16.75 1.16
C MET B 86 35.38 16.69 -0.09
N GLY B 87 35.09 15.74 -0.97
CA GLY B 87 35.88 15.63 -2.18
C GLY B 87 35.40 16.70 -3.15
N ILE B 88 36.34 17.07 -4.07
CA ILE B 88 36.00 18.01 -5.13
C ILE B 88 36.42 17.37 -6.45
N PHE B 89 35.42 17.01 -7.25
CA PHE B 89 35.68 16.41 -8.55
C PHE B 89 35.51 17.44 -9.65
N SER B 90 36.35 17.34 -10.67
CA SER B 90 36.20 18.19 -11.82
C SER B 90 35.67 17.16 -12.81
N PHE B 91 34.65 17.50 -13.57
CA PHE B 91 34.12 16.55 -14.53
C PHE B 91 33.66 17.24 -15.81
N PRO B 92 33.14 16.44 -16.83
CA PRO B 92 32.75 17.01 -18.12
C PRO B 92 31.48 17.77 -18.03
N ARG B 93 31.55 18.80 -19.03
CA ARG B 93 30.36 19.60 -19.29
C ARG B 93 30.23 19.62 -20.80
N ASN B 94 29.18 18.98 -21.30
CA ASN B 94 28.92 18.88 -22.72
C ASN B 94 30.12 18.25 -23.43
N SER B 95 30.60 17.16 -22.85
CA SER B 95 31.72 16.39 -23.37
C SER B 95 33.07 17.10 -23.36
N ALA B 96 33.14 18.26 -22.73
CA ALA B 96 34.40 19.01 -22.63
C ALA B 96 34.95 18.69 -21.25
N ALA B 97 36.11 18.04 -21.22
CA ALA B 97 36.73 17.63 -19.96
C ALA B 97 36.98 18.76 -18.96
N ASN B 98 36.68 18.46 -17.70
CA ASN B 98 36.93 19.39 -16.61
C ASN B 98 36.37 20.81 -16.77
N LYS B 99 35.14 20.92 -17.25
CA LYS B 99 34.52 22.22 -17.43
C LYS B 99 33.46 22.46 -16.35
N ALA B 100 33.37 21.53 -15.42
CA ALA B 100 32.44 21.63 -14.30
C ALA B 100 33.10 20.96 -13.10
N PHE B 101 32.54 21.18 -11.91
CA PHE B 101 33.09 20.58 -10.71
C PHE B 101 31.94 20.20 -9.79
N ALA B 102 32.18 19.24 -8.92
CA ALA B 102 31.14 18.82 -7.98
C ALA B 102 31.77 18.53 -6.62
N ILE B 103 31.11 19.00 -5.58
CA ILE B 103 31.57 18.80 -4.21
C ILE B 103 30.81 17.58 -3.71
N THR B 104 31.53 16.59 -3.20
CA THR B 104 30.87 15.38 -2.73
C THR B 104 30.78 15.27 -1.22
N VAL B 105 29.60 14.90 -0.73
CA VAL B 105 29.35 14.73 0.69
C VAL B 105 28.87 13.29 0.86
N GLY B 106 29.76 12.42 1.35
CA GLY B 106 29.38 11.03 1.50
C GLY B 106 29.17 10.53 2.91
N GLY B 107 28.99 9.22 3.03
CA GLY B 107 28.77 8.59 4.32
C GLY B 107 27.51 9.04 5.01
N LEU B 108 26.53 9.45 4.22
CA LEU B 108 25.26 9.95 4.75
C LEU B 108 24.19 8.90 4.98
N THR B 109 23.41 9.08 6.03
CA THR B 109 22.29 8.19 6.31
C THR B 109 21.19 8.69 5.37
N GLN B 110 20.11 7.93 5.24
CA GLN B 110 19.05 8.37 4.35
C GLN B 110 18.43 9.69 4.80
N ALA B 111 18.22 9.84 6.09
CA ALA B 111 17.64 11.07 6.63
C ALA B 111 18.60 12.24 6.40
N GLN B 112 19.89 12.01 6.61
CA GLN B 112 20.87 13.07 6.39
C GLN B 112 20.87 13.49 4.92
N CYS B 113 20.75 12.52 4.03
CA CYS B 113 20.73 12.77 2.59
C CYS B 113 19.51 13.63 2.22
N LYS B 114 18.33 13.19 2.66
CA LYS B 114 17.10 13.91 2.39
C LYS B 114 17.13 15.35 2.90
N THR B 115 17.52 15.52 4.15
CA THR B 115 17.58 16.85 4.75
C THR B 115 18.67 17.73 4.15
N LEU B 116 19.84 17.15 3.85
CA LEU B 116 20.92 17.94 3.26
C LEU B 116 20.55 18.46 1.87
N VAL B 117 20.03 17.58 1.02
CA VAL B 117 19.66 18.00 -0.32
C VAL B 117 18.54 19.04 -0.24
N THR B 118 17.64 18.89 0.72
CA THR B 118 16.55 19.84 0.87
C THR B 118 17.09 21.20 1.31
N SER B 119 18.08 21.18 2.19
CA SER B 119 18.67 22.40 2.72
C SER B 119 19.54 23.19 1.74
N VAL B 120 20.22 22.51 0.83
CA VAL B 120 21.11 23.20 -0.10
C VAL B 120 20.84 22.95 -1.58
N GLY B 121 19.90 22.07 -1.89
CA GLY B 121 19.60 21.74 -3.28
C GLY B 121 19.42 22.93 -4.22
N ASP B 122 18.68 23.94 -3.77
CA ASP B 122 18.42 25.12 -4.59
C ASP B 122 19.65 25.96 -4.88
N MET B 123 20.75 25.70 -4.17
CA MET B 123 21.99 26.47 -4.38
C MET B 123 22.89 25.89 -5.47
N PHE B 124 22.53 24.72 -5.99
CA PHE B 124 23.34 24.08 -7.02
C PHE B 124 22.53 23.71 -8.26
N PRO B 125 23.10 23.94 -9.45
CA PRO B 125 22.40 23.60 -10.68
C PRO B 125 22.50 22.11 -11.03
N PHE B 126 23.44 21.43 -10.40
CA PHE B 126 23.66 20.01 -10.64
C PHE B 126 23.66 19.23 -9.33
N ILE B 127 22.92 18.13 -9.29
CA ILE B 127 22.87 17.28 -8.11
C ILE B 127 22.80 15.82 -8.54
N ASN B 128 23.71 15.02 -8.02
CA ASN B 128 23.76 13.60 -8.32
C ASN B 128 23.75 12.86 -6.99
N VAL B 129 22.66 12.13 -6.72
CA VAL B 129 22.52 11.38 -5.48
C VAL B 129 22.81 9.91 -5.75
N LYS B 130 23.86 9.26 -4.98
CA LYS B 130 24.28 7.89 -5.21
C LYS B 130 24.29 7.17 -3.86
N GLU B 131 23.84 5.90 -4.02
CA GLU B 131 24.05 5.00 -2.91
C GLU B 131 25.50 4.57 -3.01
N GLY B 132 26.15 4.55 -1.78
CA GLY B 132 27.55 4.17 -1.80
C GLY B 132 28.43 5.40 -1.86
N ALA B 133 29.41 5.38 -2.76
CA ALA B 133 30.33 6.51 -2.89
C ALA B 133 30.78 6.71 -4.33
N PHE B 134 31.20 7.94 -4.64
CA PHE B 134 31.70 8.23 -5.98
C PHE B 134 33.14 7.76 -6.02
N ALA B 135 33.47 6.99 -7.04
CA ALA B 135 34.84 6.49 -7.18
C ALA B 135 35.45 7.17 -8.36
N ALA B 136 35.35 6.70 -9.55
CA ALA B 136 35.94 7.32 -10.72
C ALA B 136 35.05 8.49 -11.15
N VAL B 137 35.65 9.48 -11.82
CA VAL B 137 34.92 10.65 -12.27
C VAL B 137 33.74 10.29 -13.17
N ALA B 138 33.80 9.15 -13.85
CA ALA B 138 32.71 8.74 -14.73
C ALA B 138 31.40 8.56 -13.96
N ASP B 139 31.50 8.32 -12.66
CA ASP B 139 30.31 8.14 -11.83
C ASP B 139 29.43 9.37 -11.81
N LEU B 140 30.04 10.54 -12.02
CA LEU B 140 29.32 11.81 -11.98
C LEU B 140 28.43 12.12 -13.17
N GLY B 141 28.80 11.62 -14.34
CA GLY B 141 28.02 11.90 -15.52
C GLY B 141 28.53 13.16 -16.19
N ASP B 142 27.65 13.88 -16.86
CA ASP B 142 28.03 15.11 -17.55
C ASP B 142 27.16 16.24 -17.03
N PHE B 143 27.79 17.35 -16.65
CA PHE B 143 27.10 18.52 -16.12
C PHE B 143 25.98 19.03 -17.02
N GLU B 144 26.20 18.96 -18.32
CA GLU B 144 25.21 19.47 -19.26
C GLU B 144 24.38 18.47 -20.04
N THR B 145 24.88 17.26 -20.25
CA THR B 145 24.12 16.28 -21.02
C THR B 145 23.49 15.14 -20.24
N SER B 146 23.76 15.05 -18.95
CA SER B 146 23.13 14.01 -18.14
C SER B 146 21.74 14.53 -17.78
N VAL B 147 20.72 13.91 -18.37
CA VAL B 147 19.35 14.33 -18.12
C VAL B 147 18.90 13.91 -16.73
N ALA B 148 18.40 14.87 -15.96
CA ALA B 148 17.95 14.60 -14.61
C ALA B 148 16.49 14.15 -14.53
N ASP B 149 16.20 13.35 -13.53
CA ASP B 149 14.83 12.89 -13.29
C ASP B 149 14.67 12.78 -11.78
N ALA B 150 14.26 13.89 -11.18
CA ALA B 150 14.09 13.95 -9.73
C ALA B 150 13.01 13.00 -9.21
N ALA B 151 12.12 12.53 -10.18
CA ALA B 151 11.06 11.64 -9.71
C ALA B 151 11.60 10.27 -9.34
N THR B 152 12.86 10.00 -9.66
CA THR B 152 13.49 8.73 -9.30
C THR B 152 14.22 8.83 -7.96
N GLY B 153 14.51 10.06 -7.54
CA GLY B 153 15.20 10.27 -6.28
C GLY B 153 16.57 9.65 -6.21
N ALA B 154 17.11 9.26 -7.36
CA ALA B 154 18.42 8.63 -7.42
C ALA B 154 19.18 9.09 -8.67
N GLY B 155 20.50 9.02 -8.61
CA GLY B 155 21.31 9.44 -9.74
C GLY B 155 21.21 10.93 -9.95
N VAL B 156 21.33 11.37 -11.20
CA VAL B 156 21.25 12.80 -11.49
C VAL B 156 19.80 13.26 -11.32
N ILE B 157 19.56 14.08 -10.31
CA ILE B 157 18.21 14.58 -10.06
C ILE B 157 18.08 16.08 -10.38
N LYS B 158 19.18 16.68 -10.83
CA LYS B 158 19.17 18.08 -11.21
C LYS B 158 20.36 18.36 -12.13
N SER B 159 20.10 19.04 -13.25
CA SER B 159 21.16 19.39 -14.21
C SER B 159 20.59 20.39 -15.21
N ILE B 160 21.47 20.99 -16.02
CA ILE B 160 21.01 21.97 -16.99
C ILE B 160 20.68 21.32 -18.33
N ALA B 161 20.71 19.99 -18.37
CA ALA B 161 20.42 19.26 -19.59
C ALA B 161 18.98 19.50 -20.04
N PRO B 162 18.77 19.63 -21.35
CA PRO B 162 17.43 19.86 -21.90
C PRO B 162 16.53 18.67 -21.60
N GLY B 163 15.29 18.95 -21.21
CA GLY B 163 14.36 17.89 -20.91
C GLY B 163 14.47 17.31 -19.52
N SER B 164 15.34 17.89 -18.70
CA SER B 164 15.53 17.42 -17.34
C SER B 164 14.30 17.69 -16.47
N ALA B 165 13.98 16.72 -15.62
CA ALA B 165 12.87 16.88 -14.68
C ALA B 165 13.65 17.19 -13.41
N ASN B 166 14.01 18.46 -13.26
CA ASN B 166 14.81 18.92 -12.14
C ASN B 166 14.16 18.94 -10.78
N LEU B 167 14.97 18.64 -9.78
CA LEU B 167 14.53 18.62 -8.40
C LEU B 167 13.75 19.87 -8.04
N ASN B 168 12.51 19.67 -7.62
CA ASN B 168 11.64 20.76 -7.21
C ASN B 168 11.24 20.36 -5.80
N LEU B 169 11.78 21.07 -4.81
CA LEU B 169 11.52 20.74 -3.42
C LEU B 169 10.09 20.99 -2.96
N THR B 170 9.22 21.46 -3.86
CA THR B 170 7.82 21.66 -3.52
C THR B 170 6.97 20.68 -4.33
N ASN B 171 7.64 19.72 -4.97
CA ASN B 171 6.97 18.68 -5.74
C ASN B 171 7.00 17.49 -4.77
N ILE B 172 5.84 17.06 -4.29
CA ILE B 172 5.78 15.97 -3.33
C ILE B 172 6.45 14.68 -3.78
N THR B 173 6.35 14.36 -5.07
CA THR B 173 6.96 13.14 -5.59
C THR B 173 8.48 13.22 -5.45
N HIS B 174 9.05 14.38 -5.78
CA HIS B 174 10.49 14.57 -5.67
C HIS B 174 10.93 14.49 -4.21
N VAL B 175 10.16 15.11 -3.33
CA VAL B 175 10.48 15.12 -1.92
C VAL B 175 10.44 13.71 -1.33
N GLU B 176 9.39 12.95 -1.63
CA GLU B 176 9.24 11.60 -1.12
C GLU B 176 10.26 10.59 -1.64
N LYS B 177 10.61 10.73 -2.92
CA LYS B 177 11.56 9.80 -3.54
C LYS B 177 13.02 10.16 -3.28
N LEU B 178 13.25 11.40 -2.87
CA LEU B 178 14.60 11.88 -2.59
C LEU B 178 15.42 10.91 -1.75
N CYS B 179 16.58 10.51 -2.29
CA CYS B 179 17.49 9.59 -1.63
C CYS B 179 16.87 8.22 -1.33
N THR B 180 16.05 7.73 -2.26
CA THR B 180 15.44 6.42 -2.08
C THR B 180 16.56 5.38 -2.08
N GLY B 181 16.40 4.33 -1.28
CA GLY B 181 17.43 3.30 -1.22
C GLY B 181 17.92 3.00 0.18
N THR B 182 19.12 2.44 0.27
CA THR B 182 19.71 2.09 1.55
C THR B 182 21.05 2.80 1.74
N ALA B 183 21.21 3.40 2.91
CA ALA B 183 22.43 4.12 3.24
C ALA B 183 23.61 3.15 3.27
N PRO B 184 24.84 3.67 3.17
CA PRO B 184 25.18 5.09 3.05
C PRO B 184 24.98 5.72 1.68
N PHE B 185 24.81 7.04 1.67
CA PHE B 185 24.63 7.80 0.44
C PHE B 185 25.72 8.85 0.31
N THR B 186 25.95 9.27 -0.93
CA THR B 186 26.90 10.33 -1.20
C THR B 186 26.20 11.23 -2.19
N VAL B 187 26.31 12.53 -2.00
CA VAL B 187 25.66 13.46 -2.92
C VAL B 187 26.71 14.37 -3.52
N ALA B 188 26.64 14.54 -4.84
CA ALA B 188 27.55 15.42 -5.55
C ALA B 188 26.79 16.68 -5.90
N PHE B 189 27.29 17.82 -5.42
CA PHE B 189 26.66 19.11 -5.69
C PHE B 189 27.59 19.84 -6.66
N GLY B 190 27.13 20.04 -7.89
CA GLY B 190 27.98 20.66 -8.88
C GLY B 190 27.60 22.00 -9.45
N ASN B 191 28.57 22.65 -10.08
CA ASN B 191 28.37 23.94 -10.71
C ASN B 191 29.43 24.08 -11.80
N SER B 192 29.35 25.14 -12.57
CA SER B 192 30.31 25.36 -13.66
C SER B 192 30.52 26.85 -13.87
C1 GOL C . -44.33 -19.52 0.38
O1 GOL C . -44.51 -19.26 1.79
C2 GOL C . -42.99 -20.25 0.11
O2 GOL C . -42.07 -19.46 -0.60
C3 GOL C . -43.19 -21.57 -0.66
O3 GOL C . -42.43 -21.43 -1.85
C1 GOL D . -25.28 -22.52 17.15
O1 GOL D . -26.17 -22.06 18.20
C2 GOL D . -23.86 -21.92 17.39
O2 GOL D . -23.46 -21.04 16.36
C3 GOL D . -22.77 -23.01 17.51
O3 GOL D . -22.75 -23.57 18.80
S SO4 E . -36.65 -2.51 4.75
O1 SO4 E . -35.77 -2.21 3.70
O2 SO4 E . -35.90 -3.03 5.82
O3 SO4 E . -37.64 -3.50 4.38
O4 SO4 E . -37.23 -1.29 5.08
C1 GOL F . 43.54 14.28 3.12
O1 GOL F . 44.04 12.94 3.37
C2 GOL F . 42.31 14.45 4.05
O2 GOL F . 41.16 13.79 3.58
C3 GOL F . 41.96 15.93 4.31
O3 GOL F . 42.99 16.69 4.88
S SO4 G . 23.39 14.74 12.52
O1 SO4 G . 24.19 15.53 11.37
O2 SO4 G . 22.98 13.38 12.27
O3 SO4 G . 23.50 15.16 13.76
O4 SO4 G . 24.70 14.15 12.59
S SO4 H . 18.80 5.98 8.00
O1 SO4 H . 17.61 5.29 7.77
O2 SO4 H . 19.66 5.80 6.91
O3 SO4 H . 19.49 5.53 9.19
O4 SO4 H . 18.40 7.32 8.12
#